data_5GV3
#
_entry.id   5GV3
#
_cell.length_a   59.610
_cell.length_b   103.930
_cell.length_c   129.180
_cell.angle_alpha   90.000
_cell.angle_beta   90.000
_cell.angle_gamma   90.000
#
_symmetry.space_group_name_H-M   'C 2 2 21'
#
loop_
_entity.id
_entity.type
_entity.pdbx_description
1 polymer 'Lysosome-associated membrane glycoprotein 2'
2 non-polymer 'ZINC ION'
3 non-polymer 2-acetamido-2-deoxy-beta-D-glucopyranose
4 water water
#
_entity_poly.entity_id   1
_entity_poly.type   'polypeptide(L)'
_entity_poly.pdbx_seq_one_letter_code
;DLIVNLTDSKGTCLYAEWEMNFTITYETTNQTNKTITIAVPDKATHDGSSCGDDRNSAKIMIQFGFAVSWAVNFTKEASH
YSIHDIVLSYNTSDSTVFPGAVAKGVHTVKNPENFKVPLDVIFKCNSVLTYNLTPVVQKYWGIHLQAFVQNGTVSKNEQV
CEEDQGSSL
;
_entity_poly.pdbx_strand_id   A,B
#
# COMPACT_ATOMS: atom_id res chain seq x y z
N ASP A 1 -2.75 9.90 3.71
CA ASP A 1 -2.97 10.74 4.88
C ASP A 1 -4.29 11.46 4.71
N LEU A 2 -5.37 10.71 4.61
CA LEU A 2 -6.69 11.29 4.34
C LEU A 2 -7.17 12.29 5.39
N ILE A 3 -7.46 13.52 4.96
CA ILE A 3 -7.98 14.53 5.88
C ILE A 3 -9.19 15.20 5.27
N VAL A 4 -10.30 15.13 6.00
CA VAL A 4 -11.52 15.79 5.62
C VAL A 4 -11.90 16.75 6.73
N ASN A 5 -11.72 18.04 6.47
CA ASN A 5 -12.00 19.08 7.45
C ASN A 5 -13.10 19.98 6.92
N LEU A 6 -14.33 19.67 7.26
CA LEU A 6 -15.49 20.41 6.79
C LEU A 6 -15.82 21.54 7.75
N THR A 7 -16.10 22.72 7.20
CA THR A 7 -16.39 23.90 8.01
C THR A 7 -17.69 24.55 7.58
N ASP A 8 -18.36 25.18 8.53
CA ASP A 8 -19.49 26.07 8.22
C ASP A 8 -19.11 27.46 8.73
N SER A 9 -20.08 28.36 8.88
CA SER A 9 -19.76 29.74 9.25
C SER A 9 -19.55 29.91 10.74
N LYS A 10 -19.52 28.81 11.47
CA LYS A 10 -19.27 28.88 12.91
C LYS A 10 -18.02 28.08 13.24
N GLY A 11 -17.43 27.46 12.23
CA GLY A 11 -16.19 26.74 12.43
C GLY A 11 -16.27 25.33 11.88
N THR A 12 -15.26 24.53 12.21
CA THR A 12 -15.25 23.12 11.84
C THR A 12 -16.50 22.40 12.34
N CYS A 13 -17.19 21.71 11.45
CA CYS A 13 -18.36 20.93 11.87
C CYS A 13 -18.10 19.43 11.77
N LEU A 14 -17.06 19.04 11.04
CA LEU A 14 -16.65 17.63 10.96
C LEU A 14 -15.15 17.55 10.69
N TYR A 15 -14.45 16.74 11.47
CA TYR A 15 -13.04 16.50 11.20
C TYR A 15 -12.77 15.00 11.12
N ALA A 16 -12.02 14.60 10.10
CA ALA A 16 -11.64 13.20 9.93
C ALA A 16 -10.21 13.10 9.41
N GLU A 17 -9.39 12.33 10.11
CA GLU A 17 -8.00 12.08 9.78
C GLU A 17 -7.78 10.58 9.89
N TRP A 18 -7.36 9.93 8.81
CA TRP A 18 -7.21 8.47 8.83
C TRP A 18 -6.49 7.93 7.58
N GLU A 19 -6.13 6.65 7.64
CA GLU A 19 -5.52 5.97 6.50
C GLU A 19 -6.32 4.68 6.19
N MET A 20 -6.47 4.35 4.92
CA MET A 20 -7.16 3.11 4.55
C MET A 20 -6.62 2.45 3.30
N ASN A 21 -6.69 1.13 3.26
CA ASN A 21 -6.41 0.42 2.02
C ASN A 21 -7.36 -0.77 1.89
N PHE A 22 -7.51 -1.25 0.66
CA PHE A 22 -8.48 -2.29 0.33
C PHE A 22 -7.86 -3.41 -0.46
N THR A 23 -7.93 -4.62 0.07
CA THR A 23 -7.41 -5.78 -0.63
C THR A 23 -8.57 -6.47 -1.34
N ILE A 24 -8.58 -6.39 -2.67
CA ILE A 24 -9.70 -6.89 -3.46
C ILE A 24 -9.32 -8.11 -4.31
N THR A 25 -10.11 -9.17 -4.19
CA THR A 25 -9.97 -10.33 -5.05
C THR A 25 -11.05 -10.29 -6.12
N TYR A 26 -10.65 -10.38 -7.38
CA TYR A 26 -11.62 -10.39 -8.48
C TYR A 26 -11.33 -11.52 -9.46
N GLU A 27 -12.35 -11.95 -10.20
CA GLU A 27 -12.18 -13.06 -11.13
C GLU A 27 -11.46 -12.62 -12.39
N THR A 28 -10.47 -13.43 -12.77
CA THR A 28 -9.66 -13.24 -13.97
C THR A 28 -9.85 -14.40 -14.95
N THR A 29 -9.28 -14.28 -16.15
CA THR A 29 -9.52 -15.23 -17.25
C THR A 29 -9.07 -16.68 -17.00
N ASN A 30 -9.72 -17.61 -17.71
CA ASN A 30 -9.51 -19.05 -17.53
C ASN A 30 -9.74 -19.54 -16.12
N GLN A 31 -10.81 -19.06 -15.49
CA GLN A 31 -11.25 -19.59 -14.21
C GLN A 31 -10.22 -19.29 -13.10
N THR A 32 -9.67 -18.08 -13.11
CA THR A 32 -8.69 -17.72 -12.08
C THR A 32 -9.11 -16.47 -11.31
N ASN A 33 -8.38 -16.15 -10.24
CA ASN A 33 -8.62 -14.96 -9.43
C ASN A 33 -7.38 -14.11 -9.30
N LYS A 34 -7.54 -12.80 -9.20
CA LYS A 34 -6.42 -11.94 -8.86
C LYS A 34 -6.71 -11.12 -7.60
N THR A 35 -5.74 -11.05 -6.71
CA THR A 35 -5.85 -10.26 -5.49
C THR A 35 -4.92 -9.06 -5.58
N ILE A 36 -5.47 -7.86 -5.38
CA ILE A 36 -4.68 -6.64 -5.37
C ILE A 36 -4.97 -5.79 -4.12
N THR A 37 -4.02 -4.94 -3.75
CA THR A 37 -4.23 -4.00 -2.65
C THR A 37 -4.22 -2.57 -3.17
N ILE A 38 -5.26 -1.82 -2.86
CA ILE A 38 -5.34 -0.42 -3.23
C ILE A 38 -5.13 0.47 -2.02
N ALA A 39 -3.98 1.14 -1.94
CA ALA A 39 -3.80 2.15 -0.92
C ALA A 39 -4.39 3.46 -1.43
N VAL A 40 -5.30 4.03 -0.66
CA VAL A 40 -5.96 5.26 -1.06
C VAL A 40 -5.03 6.41 -0.75
N PRO A 41 -4.49 7.07 -1.78
CA PRO A 41 -3.53 8.14 -1.53
C PRO A 41 -4.26 9.46 -1.35
N ASP A 42 -3.53 10.54 -1.21
CA ASP A 42 -4.18 11.82 -1.15
C ASP A 42 -3.84 12.49 -2.47
N LYS A 43 -4.90 12.84 -3.17
CA LYS A 43 -5.03 13.06 -4.61
C LYS A 43 -6.45 12.61 -4.83
N ALA A 44 -6.86 11.69 -3.97
CA ALA A 44 -8.23 11.20 -3.95
C ALA A 44 -9.11 12.34 -3.49
N THR A 45 -10.31 12.43 -4.06
CA THR A 45 -11.19 13.54 -3.74
C THR A 45 -12.21 13.18 -2.67
N HIS A 46 -12.79 14.19 -2.01
CA HIS A 46 -13.78 13.93 -0.97
C HIS A 46 -15.14 14.54 -1.35
N ASP A 47 -15.42 14.62 -2.65
CA ASP A 47 -16.65 15.23 -3.16
C ASP A 47 -17.91 14.60 -2.59
N GLY A 48 -18.84 15.42 -2.13
CA GLY A 48 -20.09 14.89 -1.62
C GLY A 48 -20.11 14.82 -0.10
N SER A 49 -18.95 14.99 0.51
CA SER A 49 -18.85 15.00 1.96
C SER A 49 -19.60 16.21 2.48
N SER A 50 -20.36 16.03 3.55
CA SER A 50 -21.14 17.13 4.11
C SER A 50 -21.37 16.93 5.58
N CYS A 51 -21.51 18.05 6.30
CA CYS A 51 -21.91 18.02 7.69
C CYS A 51 -23.41 17.75 7.80
N ASN A 56 -29.69 16.13 7.05
CA ASN A 56 -29.37 15.50 8.33
C ASN A 56 -28.33 14.38 8.21
N SER A 57 -27.45 14.28 9.22
CA SER A 57 -26.50 13.17 9.42
C SER A 57 -25.21 13.13 8.56
N ALA A 58 -24.38 14.16 8.72
CA ALA A 58 -23.02 14.30 8.13
C ALA A 58 -22.33 13.05 7.57
N LYS A 59 -22.04 13.08 6.28
CA LYS A 59 -21.38 11.98 5.59
C LYS A 59 -19.99 12.32 5.02
N ILE A 60 -19.18 11.28 4.83
CA ILE A 60 -17.94 11.43 4.11
C ILE A 60 -17.94 10.55 2.88
N MET A 61 -17.54 11.14 1.75
CA MET A 61 -17.41 10.39 0.52
C MET A 61 -16.01 10.56 -0.08
N ILE A 62 -15.39 9.46 -0.48
CA ILE A 62 -14.06 9.50 -1.05
C ILE A 62 -14.07 8.88 -2.45
N GLN A 63 -13.52 9.58 -3.43
CA GLN A 63 -13.37 9.00 -4.77
C GLN A 63 -11.89 8.88 -5.13
N PHE A 64 -11.56 7.83 -5.85
CA PHE A 64 -10.18 7.64 -6.31
C PHE A 64 -10.19 7.09 -7.74
N GLY A 65 -9.98 7.99 -8.71
CA GLY A 65 -9.95 7.61 -10.11
C GLY A 65 -11.28 7.15 -10.69
N PHE A 66 -11.25 6.03 -11.42
CA PHE A 66 -12.45 5.52 -12.08
C PHE A 66 -12.93 4.35 -11.27
N ALA A 67 -11.99 3.84 -10.48
CA ALA A 67 -12.09 2.52 -9.91
C ALA A 67 -12.85 2.42 -8.61
N VAL A 68 -12.56 3.31 -7.68
CA VAL A 68 -13.00 3.09 -6.31
C VAL A 68 -13.61 4.32 -5.68
N SER A 69 -14.78 4.12 -5.08
CA SER A 69 -15.42 5.15 -4.29
C SER A 69 -15.71 4.54 -2.91
N TRP A 70 -15.84 5.40 -1.90
CA TRP A 70 -15.99 4.94 -0.53
C TRP A 70 -16.80 5.95 0.24
N ALA A 71 -17.65 5.47 1.14
CA ALA A 71 -18.53 6.37 1.89
C ALA A 71 -18.79 5.85 3.30
N VAL A 72 -19.22 6.76 4.17
CA VAL A 72 -19.56 6.40 5.55
C VAL A 72 -20.62 7.35 6.10
N ASN A 73 -21.47 6.84 6.97
CA ASN A 73 -22.49 7.62 7.65
C ASN A 73 -22.17 7.91 9.08
N PHE A 74 -22.55 9.11 9.49
CA PHE A 74 -22.55 9.48 10.90
C PHE A 74 -23.96 9.97 11.25
N THR A 75 -24.63 9.27 12.15
CA THR A 75 -26.00 9.62 12.54
C THR A 75 -26.07 10.03 14.00
N LYS A 76 -26.52 11.24 14.26
CA LYS A 76 -26.44 11.79 15.61
C LYS A 76 -27.54 11.26 16.54
N GLU A 77 -27.12 10.87 17.75
CA GLU A 77 -27.99 10.48 18.87
C GLU A 77 -28.69 9.13 18.70
N ALA A 78 -27.94 8.18 18.17
CA ALA A 78 -28.32 6.77 18.12
C ALA A 78 -27.60 6.14 19.32
N SER A 79 -26.96 7.08 20.05
CA SER A 79 -26.35 6.99 21.41
C SER A 79 -24.82 7.07 21.55
N HIS A 80 -24.17 8.22 21.38
CA HIS A 80 -24.76 9.47 20.88
C HIS A 80 -24.47 9.88 19.43
N TYR A 81 -23.52 9.24 18.75
CA TYR A 81 -23.61 9.26 17.29
C TYR A 81 -23.01 7.97 16.77
N SER A 82 -23.60 7.45 15.71
CA SER A 82 -23.17 6.17 15.16
C SER A 82 -22.36 6.36 13.90
N ILE A 83 -21.35 5.51 13.76
CA ILE A 83 -20.58 5.39 12.54
C ILE A 83 -21.12 4.16 11.85
N HIS A 84 -21.72 4.36 10.68
CA HIS A 84 -22.60 3.35 10.11
C HIS A 84 -22.54 3.36 8.58
N ASP A 85 -23.03 2.30 7.95
CA ASP A 85 -23.15 2.24 6.48
C ASP A 85 -21.85 2.52 5.75
N ILE A 86 -20.76 1.88 6.18
CA ILE A 86 -19.53 2.00 5.45
C ILE A 86 -19.66 1.18 4.19
N VAL A 87 -19.48 1.84 3.04
CA VAL A 87 -19.66 1.19 1.75
C VAL A 87 -18.49 1.45 0.83
N LEU A 88 -17.99 0.38 0.20
CA LEU A 88 -16.97 0.47 -0.82
C LEU A 88 -17.55 0.06 -2.16
N SER A 89 -17.33 0.87 -3.20
CA SER A 89 -17.71 0.50 -4.55
C SER A 89 -16.49 0.48 -5.44
N TYR A 90 -16.30 -0.61 -6.16
CA TYR A 90 -15.18 -0.71 -7.07
C TYR A 90 -15.61 -1.16 -8.46
N ASN A 91 -14.92 -0.62 -9.46
CA ASN A 91 -15.29 -0.77 -10.86
C ASN A 91 -14.24 -1.62 -11.58
N THR A 92 -14.59 -2.86 -11.92
CA THR A 92 -13.62 -3.78 -12.50
C THR A 92 -13.43 -3.55 -14.00
N SER A 93 -14.17 -2.61 -14.57
CA SER A 93 -13.97 -2.23 -15.96
C SER A 93 -12.76 -1.29 -16.07
N ASP A 94 -12.13 -0.98 -14.94
CA ASP A 94 -10.92 -0.17 -14.95
C ASP A 94 -9.67 -1.05 -14.97
N SER A 95 -9.09 -1.20 -16.15
CA SER A 95 -7.86 -1.99 -16.35
C SER A 95 -6.70 -1.38 -15.60
N THR A 96 -6.87 -0.12 -15.21
CA THR A 96 -5.82 0.66 -14.59
C THR A 96 -5.42 0.00 -13.27
N VAL A 97 -6.40 -0.58 -12.58
CA VAL A 97 -6.16 -1.23 -11.29
C VAL A 97 -6.67 -2.68 -11.30
N PHE A 98 -7.63 -2.98 -12.16
CA PHE A 98 -8.13 -4.36 -12.27
C PHE A 98 -7.88 -4.97 -13.65
N PRO A 99 -6.60 -5.21 -14.00
CA PRO A 99 -6.29 -5.78 -15.31
C PRO A 99 -6.67 -7.27 -15.41
N GLY A 100 -7.34 -7.65 -16.50
CA GLY A 100 -7.67 -9.04 -16.71
C GLY A 100 -8.97 -9.47 -16.04
N ALA A 101 -9.74 -8.50 -15.58
CA ALA A 101 -11.02 -8.79 -14.92
C ALA A 101 -12.05 -9.35 -15.89
N VAL A 102 -12.77 -10.38 -15.44
CA VAL A 102 -13.83 -10.97 -16.24
C VAL A 102 -15.13 -10.17 -16.06
N ALA A 103 -15.45 -9.86 -14.81
CA ALA A 103 -16.68 -9.14 -14.51
C ALA A 103 -16.51 -7.67 -14.87
N LYS A 104 -17.59 -7.06 -15.36
CA LYS A 104 -17.54 -5.66 -15.72
C LYS A 104 -18.59 -4.89 -14.95
N GLY A 105 -18.29 -3.64 -14.65
CA GLY A 105 -19.21 -2.82 -13.92
C GLY A 105 -18.78 -2.68 -12.47
N VAL A 106 -19.68 -2.10 -11.69
CA VAL A 106 -19.44 -1.77 -10.31
C VAL A 106 -19.83 -2.91 -9.37
N HIS A 107 -18.98 -3.18 -8.41
CA HIS A 107 -19.37 -4.06 -7.32
C HIS A 107 -19.36 -3.29 -6.02
N THR A 108 -20.28 -3.64 -5.14
CA THR A 108 -20.46 -2.92 -3.88
C THR A 108 -20.39 -3.87 -2.71
N VAL A 109 -19.56 -3.55 -1.74
CA VAL A 109 -19.47 -4.35 -0.53
C VAL A 109 -19.94 -3.50 0.63
N LYS A 110 -20.80 -4.08 1.46
CA LYS A 110 -21.35 -3.35 2.59
C LYS A 110 -20.71 -3.84 3.89
N ASN A 111 -20.48 -2.92 4.81
CA ASN A 111 -19.89 -3.23 6.10
C ASN A 111 -20.99 -3.18 7.16
N PRO A 112 -21.16 -4.29 7.90
CA PRO A 112 -22.22 -4.39 8.93
C PRO A 112 -21.89 -3.60 10.19
N GLU A 113 -20.66 -3.11 10.31
CA GLU A 113 -20.24 -2.39 11.50
C GLU A 113 -21.16 -1.21 11.77
N ASN A 114 -21.51 -1.05 13.04
CA ASN A 114 -22.23 0.12 13.52
C ASN A 114 -21.58 0.52 14.82
N PHE A 115 -20.71 1.52 14.75
CA PHE A 115 -19.88 1.84 15.88
C PHE A 115 -20.36 3.06 16.61
N LYS A 116 -20.13 3.05 17.91
CA LYS A 116 -20.63 4.09 18.76
C LYS A 116 -19.59 5.01 19.36
N VAL A 117 -19.82 6.32 19.24
CA VAL A 117 -18.90 7.31 19.75
C VAL A 117 -19.69 8.42 20.44
N PRO A 118 -19.26 8.79 21.66
CA PRO A 118 -19.89 9.90 22.38
C PRO A 118 -19.76 11.21 21.64
N LEU A 119 -20.63 12.14 21.99
CA LEU A 119 -20.54 13.49 21.46
C LEU A 119 -19.45 14.20 22.22
N ASP A 120 -19.06 15.37 21.71
CA ASP A 120 -18.08 16.22 22.37
C ASP A 120 -16.71 15.61 22.61
N VAL A 121 -16.35 14.55 21.87
CA VAL A 121 -15.02 14.00 22.00
C VAL A 121 -14.42 13.71 20.63
N ILE A 122 -13.11 13.55 20.58
CA ILE A 122 -12.49 13.11 19.34
C ILE A 122 -12.17 11.63 19.47
N PHE A 123 -12.60 10.84 18.50
CA PHE A 123 -12.33 9.42 18.52
C PHE A 123 -10.94 9.15 17.94
N LYS A 124 -10.12 8.41 18.68
CA LYS A 124 -8.76 8.17 18.24
C LYS A 124 -8.46 6.69 18.20
N CYS A 125 -7.86 6.25 17.09
CA CYS A 125 -7.41 4.89 16.94
C CYS A 125 -6.33 4.87 15.86
N ASN A 126 -5.07 5.10 16.24
CA ASN A 126 -3.98 5.07 15.26
C ASN A 126 -3.78 3.59 14.82
N SER A 127 -4.25 2.60 15.63
CA SER A 127 -4.17 1.15 15.28
C SER A 127 -5.00 0.66 14.07
N VAL A 128 -4.59 -0.47 13.50
CA VAL A 128 -5.25 -1.05 12.32
C VAL A 128 -6.53 -1.82 12.61
N LEU A 129 -7.65 -1.29 12.16
CA LEU A 129 -8.91 -2.01 12.23
C LEU A 129 -9.11 -2.79 10.92
N THR A 130 -9.28 -4.10 11.04
CA THR A 130 -9.43 -4.96 9.86
C THR A 130 -10.84 -5.55 9.79
N TYR A 131 -11.46 -5.43 8.62
CA TYR A 131 -12.77 -6.01 8.39
C TYR A 131 -12.71 -6.95 7.18
N ASN A 132 -12.90 -8.24 7.44
CA ASN A 132 -12.87 -9.23 6.39
C ASN A 132 -14.24 -9.37 5.74
N LEU A 133 -14.41 -8.69 4.62
CA LEU A 133 -15.68 -8.70 3.89
C LEU A 133 -15.50 -9.27 2.49
N THR A 134 -15.30 -10.59 2.43
CA THR A 134 -15.07 -11.32 1.18
C THR A 134 -15.98 -10.84 0.05
N PRO A 135 -15.40 -10.51 -1.11
CA PRO A 135 -14.00 -10.64 -1.54
C PRO A 135 -13.12 -9.43 -1.21
N VAL A 136 -13.48 -8.65 -0.21
CA VAL A 136 -12.71 -7.45 0.09
C VAL A 136 -12.23 -7.43 1.55
N VAL A 137 -10.92 -7.21 1.73
CA VAL A 137 -10.40 -6.96 3.07
C VAL A 137 -10.15 -5.45 3.24
N GLN A 138 -10.86 -4.84 4.18
CA GLN A 138 -10.74 -3.42 4.45
C GLN A 138 -9.87 -3.17 5.67
N LYS A 139 -8.90 -2.28 5.54
CA LYS A 139 -8.05 -1.90 6.67
C LYS A 139 -8.10 -0.39 6.90
N TYR A 140 -8.31 0.00 8.16
CA TYR A 140 -8.38 1.40 8.57
C TYR A 140 -7.44 1.64 9.74
N TRP A 141 -6.71 2.76 9.72
CA TRP A 141 -5.84 3.11 10.85
C TRP A 141 -5.47 4.60 10.90
N GLY A 142 -4.74 4.99 11.94
CA GLY A 142 -4.30 6.37 12.10
C GLY A 142 -5.48 7.31 12.20
N ILE A 143 -6.53 6.87 12.87
CA ILE A 143 -7.83 7.55 12.88
C ILE A 143 -7.92 8.62 13.95
N HIS A 144 -8.21 9.85 13.53
CA HIS A 144 -8.60 10.91 14.44
C HIS A 144 -9.92 11.47 13.91
N LEU A 145 -11.01 11.24 14.63
CA LEU A 145 -12.32 11.56 14.09
C LEU A 145 -13.25 12.28 15.06
N GLN A 146 -13.94 13.30 14.55
CA GLN A 146 -15.09 13.86 15.27
C GLN A 146 -16.14 14.38 14.30
N ALA A 147 -17.30 13.72 14.34
CA ALA A 147 -18.47 14.21 13.64
C ALA A 147 -19.26 15.11 14.57
N PHE A 148 -20.09 15.98 13.99
CA PHE A 148 -20.93 16.88 14.76
C PHE A 148 -20.11 17.67 15.75
N VAL A 149 -19.22 18.50 15.22
CA VAL A 149 -18.36 19.33 16.05
C VAL A 149 -19.15 20.53 16.53
N GLN A 150 -19.14 20.78 17.83
CA GLN A 150 -19.89 21.89 18.39
C GLN A 150 -19.00 23.10 18.64
N ASN A 151 -19.59 24.28 18.54
CA ASN A 151 -18.88 25.56 18.69
C ASN A 151 -17.73 25.75 17.70
N GLY A 152 -17.73 24.98 16.62
CA GLY A 152 -16.76 25.14 15.56
C GLY A 152 -15.35 24.68 15.89
N THR A 153 -15.18 24.20 17.12
CA THR A 153 -13.87 23.79 17.60
C THR A 153 -13.87 22.33 17.98
N VAL A 154 -12.91 21.59 17.43
CA VAL A 154 -12.78 20.18 17.75
C VAL A 154 -12.46 20.01 19.24
N SER A 155 -13.04 18.96 19.82
CA SER A 155 -12.91 18.65 21.24
C SER A 155 -11.47 18.29 21.62
N LYS A 156 -11.10 18.58 22.87
CA LYS A 156 -9.78 18.23 23.38
C LYS A 156 -9.83 16.92 24.14
N ASN A 157 -11.04 16.54 24.55
CA ASN A 157 -11.32 15.26 25.19
C ASN A 157 -11.24 14.07 24.20
N GLU A 158 -10.44 13.06 24.52
CA GLU A 158 -10.23 11.91 23.63
C GLU A 158 -11.03 10.66 24.06
N GLN A 159 -11.58 9.94 23.07
CA GLN A 159 -11.99 8.58 23.36
C GLN A 159 -11.16 7.63 22.52
N VAL A 160 -10.40 6.79 23.19
CA VAL A 160 -9.44 5.93 22.52
C VAL A 160 -10.01 4.53 22.30
N CYS A 161 -9.83 3.99 21.10
CA CYS A 161 -10.28 2.63 20.82
C CYS A 161 -9.55 1.66 21.73
N GLU A 162 -10.17 0.51 21.98
CA GLU A 162 -9.58 -0.50 22.86
C GLU A 162 -8.30 -1.07 22.32
N GLU A 163 -8.17 -1.13 21.00
CA GLU A 163 -6.98 -1.71 20.37
C GLU A 163 -5.73 -0.94 20.79
N ASP A 164 -5.89 0.36 21.02
CA ASP A 164 -4.79 1.17 21.56
C ASP A 164 -4.66 0.97 23.07
N GLN A 165 -5.64 0.29 23.66
CA GLN A 165 -5.70 0.03 25.10
C GLN A 165 -5.76 1.32 25.89
N ASP B 1 23.57 2.44 1.98
CA ASP B 1 23.45 0.94 1.97
C ASP B 1 21.98 0.59 2.28
N LEU B 2 21.18 0.35 1.22
CA LEU B 2 19.74 0.07 1.41
C LEU B 2 19.50 -1.06 2.38
N ILE B 3 18.82 -0.75 3.47
CA ILE B 3 18.54 -1.71 4.52
C ILE B 3 17.09 -1.65 4.97
N VAL B 4 16.45 -2.82 4.95
CA VAL B 4 15.12 -2.99 5.47
C VAL B 4 15.21 -3.98 6.62
N ASN B 5 15.10 -3.47 7.83
CA ASN B 5 15.17 -4.26 9.05
C ASN B 5 13.84 -4.13 9.79
N LEU B 6 12.91 -5.04 9.49
CA LEU B 6 11.55 -5.00 10.04
C LEU B 6 11.44 -5.79 11.34
N THR B 7 10.69 -5.23 12.29
CA THR B 7 10.59 -5.86 13.59
C THR B 7 9.15 -6.11 14.04
N ASP B 8 8.96 -7.20 14.77
CA ASP B 8 7.71 -7.43 15.48
C ASP B 8 7.96 -7.62 16.96
N SER B 9 6.91 -8.04 17.67
CA SER B 9 7.01 -8.41 19.07
C SER B 9 7.23 -9.92 19.15
N LYS B 10 8.44 -10.34 19.51
CA LYS B 10 9.51 -9.43 19.87
C LYS B 10 10.77 -9.63 19.02
N GLY B 11 11.07 -8.66 18.15
CA GLY B 11 12.31 -8.65 17.40
C GLY B 11 12.21 -8.50 15.91
N THR B 12 13.37 -8.55 15.25
CA THR B 12 13.45 -8.53 13.80
C THR B 12 12.72 -9.70 13.17
N CYS B 13 11.84 -9.43 12.21
CA CYS B 13 11.13 -10.50 11.51
C CYS B 13 11.52 -10.61 10.04
N LEU B 14 12.16 -9.57 9.52
CA LEU B 14 12.68 -9.58 8.15
C LEU B 14 13.88 -8.64 8.01
N TYR B 15 14.97 -9.15 7.42
CA TYR B 15 16.15 -8.33 7.15
C TYR B 15 16.63 -8.42 5.70
N ALA B 16 16.85 -7.27 5.07
CA ALA B 16 17.36 -7.22 3.72
C ALA B 16 18.32 -6.05 3.52
N GLU B 17 19.52 -6.36 3.02
CA GLU B 17 20.52 -5.33 2.71
C GLU B 17 21.03 -5.61 1.31
N TRP B 18 20.97 -4.62 0.42
CA TRP B 18 21.38 -4.84 -0.93
C TRP B 18 21.58 -3.52 -1.66
N GLU B 19 22.19 -3.58 -2.83
CA GLU B 19 22.43 -2.40 -3.65
C GLU B 19 21.64 -2.72 -4.97
N MET B 20 21.00 -1.74 -5.60
CA MET B 20 20.31 -2.01 -6.88
C MET B 20 20.37 -0.83 -7.85
N ASN B 21 20.31 -1.14 -9.15
CA ASN B 21 20.34 -0.17 -10.24
C ASN B 21 19.32 -0.43 -11.33
N PHE B 22 18.87 0.63 -12.00
CA PHE B 22 17.92 0.48 -13.10
C PHE B 22 18.31 1.38 -14.24
N THR B 23 18.60 0.74 -15.37
CA THR B 23 18.90 1.43 -16.61
C THR B 23 17.63 1.40 -17.47
N ILE B 24 17.02 2.56 -17.64
CA ILE B 24 15.73 2.64 -18.33
C ILE B 24 15.85 3.39 -19.64
N THR B 25 15.38 2.76 -20.71
CA THR B 25 15.30 3.42 -22.01
C THR B 25 13.83 3.81 -22.26
N TYR B 26 13.59 5.07 -22.59
CA TYR B 26 12.22 5.52 -22.89
C TYR B 26 12.18 6.31 -24.20
N GLU B 27 11.00 6.35 -24.83
CA GLU B 27 10.80 7.08 -26.08
C GLU B 27 10.66 8.54 -25.75
N THR B 28 11.31 9.39 -26.53
CA THR B 28 11.30 10.81 -26.24
C THR B 28 10.43 11.57 -27.21
N THR B 29 10.15 12.82 -26.89
CA THR B 29 9.20 13.63 -27.66
C THR B 29 9.66 13.85 -29.08
N ASN B 30 10.93 13.56 -29.32
CA ASN B 30 11.53 13.84 -30.61
C ASN B 30 11.95 12.58 -31.33
N GLN B 31 11.07 11.58 -31.34
CA GLN B 31 11.24 10.44 -32.23
C GLN B 31 12.48 9.58 -31.91
N THR B 32 12.95 9.66 -30.67
CA THR B 32 14.17 8.99 -30.26
C THR B 32 14.08 8.19 -28.96
N ASN B 33 15.19 7.55 -28.59
CA ASN B 33 15.26 6.85 -27.33
C ASN B 33 16.34 7.49 -26.46
N LYS B 34 16.04 7.64 -25.17
CA LYS B 34 17.07 8.10 -24.25
C LYS B 34 17.20 7.08 -23.14
N THR B 35 18.45 6.74 -22.83
CA THR B 35 18.70 5.78 -21.77
C THR B 35 19.33 6.46 -20.56
N ILE B 36 18.74 6.26 -19.39
CA ILE B 36 19.26 6.82 -18.14
C ILE B 36 19.39 5.71 -17.13
N THR B 37 20.27 5.90 -16.15
CA THR B 37 20.43 4.93 -15.07
C THR B 37 19.99 5.54 -13.75
N ILE B 38 19.13 4.82 -13.05
CA ILE B 38 18.70 5.23 -11.71
C ILE B 38 19.36 4.37 -10.65
N ALA B 39 20.31 4.96 -9.94
CA ALA B 39 20.88 4.34 -8.76
C ALA B 39 20.02 4.69 -7.56
N VAL B 40 19.53 3.69 -6.84
CA VAL B 40 18.64 3.93 -5.70
C VAL B 40 19.42 4.28 -4.43
N PRO B 41 19.30 5.55 -3.98
CA PRO B 41 19.99 6.12 -2.81
C PRO B 41 19.24 5.96 -1.49
N ASP B 42 19.79 6.65 -0.49
CA ASP B 42 19.22 6.76 0.85
C ASP B 42 18.81 8.21 1.12
N LYS B 43 17.55 8.45 1.49
CA LYS B 43 16.54 7.41 1.57
C LYS B 43 15.57 7.37 0.41
N ALA B 44 15.56 6.22 -0.25
CA ALA B 44 14.33 5.68 -0.77
C ALA B 44 13.61 5.22 0.49
N THR B 45 12.29 5.28 0.52
CA THR B 45 11.57 4.80 1.70
C THR B 45 11.10 3.35 1.51
N HIS B 46 10.73 2.71 2.62
CA HIS B 46 10.30 1.31 2.60
C HIS B 46 8.81 1.14 2.91
N ASP B 47 8.01 2.13 2.53
CA ASP B 47 6.56 2.10 2.75
C ASP B 47 5.90 0.92 2.04
N GLY B 48 5.11 0.17 2.80
CA GLY B 48 4.37 -0.96 2.23
C GLY B 48 5.06 -2.28 2.52
N SER B 49 6.32 -2.20 2.93
CA SER B 49 7.07 -3.41 3.28
C SER B 49 6.46 -4.01 4.53
N SER B 50 6.40 -5.34 4.57
CA SER B 50 5.80 -6.03 5.71
C SER B 50 6.44 -7.38 5.95
N CYS B 51 6.44 -7.80 7.20
CA CYS B 51 6.86 -9.15 7.52
C CYS B 51 5.74 -10.08 7.12
N GLY B 52 6.02 -11.37 7.13
CA GLY B 52 5.03 -12.34 6.70
C GLY B 52 4.93 -13.51 7.65
N ASP B 53 3.80 -14.20 7.61
CA ASP B 53 3.60 -15.38 8.42
C ASP B 53 3.41 -16.58 7.50
N ASP B 54 2.85 -17.65 8.04
CA ASP B 54 2.63 -18.84 7.24
C ASP B 54 1.52 -18.61 6.21
N ARG B 55 0.59 -17.71 6.51
CA ARG B 55 -0.55 -17.45 5.65
C ARG B 55 -0.39 -16.21 4.76
N ASN B 56 0.54 -15.31 5.11
CA ASN B 56 0.77 -14.10 4.33
C ASN B 56 2.21 -14.03 3.89
N SER B 57 2.44 -13.59 2.66
CA SER B 57 3.83 -13.42 2.21
C SER B 57 4.40 -12.12 2.77
N ALA B 58 5.65 -12.18 3.21
CA ALA B 58 6.41 -10.99 3.52
C ALA B 58 6.61 -10.22 2.23
N LYS B 59 6.83 -8.92 2.33
CA LYS B 59 7.02 -8.12 1.14
C LYS B 59 7.94 -6.94 1.38
N ILE B 60 8.61 -6.51 0.32
CA ILE B 60 9.34 -5.26 0.36
C ILE B 60 8.84 -4.37 -0.75
N MET B 61 8.54 -3.12 -0.41
CA MET B 61 8.16 -2.13 -1.39
C MET B 61 9.06 -0.92 -1.20
N ILE B 62 9.68 -0.47 -2.28
CA ILE B 62 10.63 0.62 -2.19
C ILE B 62 10.16 1.78 -3.03
N GLN B 63 10.17 2.94 -2.43
CA GLN B 63 9.81 4.11 -3.15
C GLN B 63 10.96 5.07 -3.23
N PHE B 64 11.27 5.46 -4.43
CA PHE B 64 12.32 6.46 -4.60
C PHE B 64 11.65 7.81 -4.40
N GLY B 65 12.43 8.81 -3.97
CA GLY B 65 11.91 10.14 -3.72
C GLY B 65 11.03 10.66 -4.85
N PHE B 66 11.37 10.28 -6.08
CA PHE B 66 10.63 10.70 -7.25
C PHE B 66 9.80 9.54 -7.81
N ALA B 67 9.60 9.53 -9.12
CA ALA B 67 8.57 8.70 -9.72
C ALA B 67 9.00 7.27 -10.04
N VAL B 68 9.61 6.58 -9.08
CA VAL B 68 10.09 5.22 -9.31
C VAL B 68 9.78 4.36 -8.09
N SER B 69 9.12 3.22 -8.31
CA SER B 69 8.87 2.26 -7.23
C SER B 69 9.25 0.83 -7.60
N TRP B 70 9.47 -0.01 -6.58
CA TRP B 70 9.98 -1.36 -6.77
C TRP B 70 9.44 -2.23 -5.65
N ALA B 71 9.14 -3.49 -5.95
CA ALA B 71 8.58 -4.39 -4.95
C ALA B 71 9.00 -5.84 -5.14
N VAL B 72 8.90 -6.63 -4.07
CA VAL B 72 9.23 -8.04 -4.15
C VAL B 72 8.45 -8.81 -3.08
N ASN B 73 8.06 -10.04 -3.39
CA ASN B 73 7.36 -10.88 -2.41
C ASN B 73 8.23 -12.04 -1.96
N PHE B 74 8.05 -12.45 -0.72
CA PHE B 74 8.69 -13.64 -0.21
C PHE B 74 7.60 -14.56 0.31
N THR B 75 7.49 -15.74 -0.29
CA THR B 75 6.40 -16.63 0.06
C THR B 75 6.91 -17.91 0.72
N LYS B 76 6.45 -18.14 1.95
CA LYS B 76 6.94 -19.18 2.84
C LYS B 76 6.36 -20.56 2.51
N GLU B 77 7.21 -21.58 2.44
CA GLU B 77 6.74 -22.96 2.30
C GLU B 77 7.07 -23.65 3.64
N ALA B 78 7.38 -24.94 3.67
CA ALA B 78 7.64 -25.57 4.99
C ALA B 78 9.11 -25.66 5.40
N SER B 79 9.98 -25.23 4.51
CA SER B 79 11.39 -25.15 4.82
C SER B 79 11.95 -23.94 4.12
N HIS B 80 11.61 -23.83 2.85
CA HIS B 80 12.18 -22.82 2.01
C HIS B 80 11.21 -21.64 1.95
N TYR B 81 11.61 -20.60 1.25
CA TYR B 81 10.70 -19.54 0.81
C TYR B 81 11.16 -19.08 -0.55
N SER B 82 10.21 -18.63 -1.37
CA SER B 82 10.51 -18.22 -2.72
C SER B 82 10.59 -16.70 -2.82
N ILE B 83 11.53 -16.21 -3.63
CA ILE B 83 11.63 -14.80 -3.97
C ILE B 83 11.01 -14.61 -5.34
N HIS B 84 9.94 -13.82 -5.40
CA HIS B 84 9.04 -13.88 -6.52
C HIS B 84 8.49 -12.49 -6.82
N ASP B 85 7.93 -12.35 -8.01
CA ASP B 85 7.15 -11.16 -8.36
C ASP B 85 7.92 -9.85 -8.11
N ILE B 86 9.16 -9.83 -8.58
CA ILE B 86 9.97 -8.63 -8.56
C ILE B 86 9.45 -7.69 -9.63
N VAL B 87 9.04 -6.49 -9.23
CA VAL B 87 8.42 -5.56 -10.16
C VAL B 87 8.99 -4.15 -10.03
N LEU B 88 9.25 -3.52 -11.17
CA LEU B 88 9.68 -2.13 -11.22
C LEU B 88 8.60 -1.28 -11.87
N SER B 89 8.25 -0.17 -11.22
CA SER B 89 7.32 0.77 -11.81
C SER B 89 7.96 2.14 -11.93
N TYR B 90 7.90 2.71 -13.12
CA TYR B 90 8.44 4.05 -13.31
C TYR B 90 7.45 4.95 -14.04
N ASN B 91 7.44 6.21 -13.62
CA ASN B 91 6.46 7.19 -14.07
C ASN B 91 7.13 8.26 -14.92
N THR B 92 6.85 8.25 -16.22
CA THR B 92 7.52 9.16 -17.15
C THR B 92 6.89 10.55 -17.17
N SER B 93 5.84 10.76 -16.39
CA SER B 93 5.26 12.09 -16.26
C SER B 93 6.11 12.96 -15.35
N ASP B 94 7.18 12.37 -14.82
CA ASP B 94 8.17 13.07 -14.00
C ASP B 94 9.30 13.58 -14.86
N SER B 95 9.25 14.86 -15.20
CA SER B 95 10.29 15.46 -16.04
C SER B 95 11.67 15.49 -15.37
N THR B 96 11.69 15.44 -14.04
CA THR B 96 12.96 15.54 -13.30
C THR B 96 13.85 14.32 -13.56
N VAL B 97 13.24 13.21 -13.94
CA VAL B 97 13.98 11.98 -14.16
C VAL B 97 13.84 11.51 -15.60
N PHE B 98 12.70 11.81 -16.21
CA PHE B 98 12.48 11.44 -17.60
C PHE B 98 12.22 12.65 -18.49
N PRO B 99 13.24 13.48 -18.72
CA PRO B 99 13.00 14.67 -19.55
C PRO B 99 12.80 14.32 -21.02
N GLY B 100 11.76 14.91 -21.61
CA GLY B 100 11.46 14.75 -23.02
C GLY B 100 10.65 13.51 -23.35
N ALA B 101 10.14 12.82 -22.34
CA ALA B 101 9.36 11.60 -22.55
C ALA B 101 8.02 11.84 -23.26
N VAL B 102 7.65 10.94 -24.16
CA VAL B 102 6.35 11.02 -24.84
C VAL B 102 5.24 10.43 -24.00
N ALA B 103 5.50 9.24 -23.47
CA ALA B 103 4.47 8.49 -22.78
C ALA B 103 4.21 8.98 -21.36
N LYS B 104 2.94 8.97 -20.98
CA LYS B 104 2.50 9.24 -19.63
C LYS B 104 1.59 8.08 -19.22
N GLY B 105 1.61 7.68 -17.95
CA GLY B 105 2.54 8.17 -16.96
C GLY B 105 3.32 7.00 -16.40
N VAL B 106 2.62 6.08 -15.73
CA VAL B 106 3.28 4.94 -15.08
C VAL B 106 3.45 3.76 -16.02
N HIS B 107 4.67 3.20 -16.04
CA HIS B 107 4.94 1.96 -16.75
C HIS B 107 5.44 0.91 -15.77
N THR B 108 5.11 -0.35 -16.04
CA THR B 108 5.45 -1.42 -15.11
C THR B 108 6.18 -2.58 -15.80
N VAL B 109 7.31 -2.98 -15.24
CA VAL B 109 8.12 -4.06 -15.78
C VAL B 109 8.14 -5.28 -14.86
N LYS B 110 7.97 -6.46 -15.45
CA LYS B 110 7.94 -7.71 -14.69
C LYS B 110 9.25 -8.49 -14.83
N ASN B 111 9.65 -9.14 -13.74
CA ASN B 111 10.83 -10.00 -13.70
C ASN B 111 10.40 -11.47 -13.60
N PRO B 112 10.85 -12.31 -14.54
CA PRO B 112 10.44 -13.72 -14.54
C PRO B 112 11.04 -14.54 -13.40
N GLU B 113 11.98 -13.95 -12.68
CA GLU B 113 12.72 -14.65 -11.61
C GLU B 113 11.82 -15.26 -10.55
N ASN B 114 12.13 -16.51 -10.19
CA ASN B 114 11.54 -17.15 -9.03
C ASN B 114 12.61 -18.01 -8.35
N PHE B 115 13.19 -17.49 -7.28
CA PHE B 115 14.31 -18.18 -6.64
C PHE B 115 13.89 -18.79 -5.30
N LYS B 116 14.50 -19.92 -4.93
CA LYS B 116 14.14 -20.67 -3.72
C LYS B 116 15.23 -20.52 -2.68
N VAL B 117 14.87 -20.17 -1.45
CA VAL B 117 15.84 -19.99 -0.36
C VAL B 117 15.33 -20.62 0.94
N PRO B 118 16.20 -21.31 1.69
CA PRO B 118 15.87 -21.87 3.01
C PRO B 118 15.43 -20.82 4.03
N LEU B 119 14.70 -21.24 5.06
CA LEU B 119 14.20 -20.36 6.12
C LEU B 119 15.20 -19.96 7.22
N ASP B 120 16.01 -20.90 7.68
CA ASP B 120 16.92 -20.65 8.79
C ASP B 120 18.32 -20.16 8.44
N VAL B 121 18.48 -19.57 7.27
CA VAL B 121 19.80 -19.04 6.89
C VAL B 121 19.70 -17.62 6.36
N ILE B 122 20.84 -16.94 6.31
CA ILE B 122 20.88 -15.64 5.66
C ILE B 122 21.54 -15.84 4.31
N PHE B 123 20.84 -15.41 3.27
CA PHE B 123 21.30 -15.56 1.90
C PHE B 123 22.26 -14.44 1.53
N LYS B 124 23.41 -14.81 0.98
CA LYS B 124 24.46 -13.85 0.64
C LYS B 124 24.87 -13.90 -0.82
N CYS B 125 24.94 -12.73 -1.44
CA CYS B 125 25.36 -12.67 -2.82
C CYS B 125 25.92 -11.30 -3.18
N ASN B 126 27.24 -11.18 -3.08
CA ASN B 126 27.94 -9.96 -3.42
C ASN B 126 27.96 -9.65 -4.91
N SER B 127 27.87 -10.70 -5.74
CA SER B 127 27.96 -10.55 -7.19
C SER B 127 26.84 -9.71 -7.78
N VAL B 128 27.12 -9.10 -8.92
CA VAL B 128 26.14 -8.30 -9.61
C VAL B 128 25.21 -9.22 -10.42
N LEU B 129 23.95 -9.26 -10.02
CA LEU B 129 22.95 -10.01 -10.78
C LEU B 129 22.29 -9.09 -11.77
N THR B 130 22.39 -9.44 -13.05
CA THR B 130 21.88 -8.58 -14.10
C THR B 130 20.69 -9.22 -14.82
N TYR B 131 19.61 -8.45 -14.96
CA TYR B 131 18.45 -8.91 -15.69
C TYR B 131 18.14 -7.95 -16.82
N ASN B 132 18.31 -8.41 -18.05
CA ASN B 132 18.00 -7.62 -19.23
C ASN B 132 16.53 -7.80 -19.58
N LEU B 133 15.70 -6.88 -19.09
CA LEU B 133 14.26 -6.94 -19.32
C LEU B 133 13.80 -5.69 -20.04
N THR B 134 14.12 -5.58 -21.33
CA THR B 134 13.78 -4.41 -22.15
C THR B 134 12.37 -3.92 -21.87
N PRO B 135 12.21 -2.61 -21.62
CA PRO B 135 13.22 -1.54 -21.73
C PRO B 135 14.05 -1.27 -20.47
N VAL B 136 14.17 -2.23 -19.57
CA VAL B 136 14.89 -2.00 -18.32
C VAL B 136 15.97 -3.04 -18.05
N VAL B 137 17.17 -2.57 -17.75
CA VAL B 137 18.21 -3.47 -17.25
C VAL B 137 18.27 -3.34 -15.74
N GLN B 138 17.99 -4.43 -15.05
CA GLN B 138 18.00 -4.44 -13.60
C GLN B 138 19.28 -5.08 -13.10
N LYS B 139 19.96 -4.38 -12.18
CA LYS B 139 21.16 -4.90 -11.54
C LYS B 139 21.01 -4.92 -10.02
N TYR B 140 21.34 -6.07 -9.44
CA TYR B 140 21.28 -6.27 -8.00
C TYR B 140 22.60 -6.79 -7.49
N TRP B 141 23.07 -6.28 -6.36
CA TRP B 141 24.31 -6.78 -5.78
C TRP B 141 24.45 -6.46 -4.29
N GLY B 142 25.51 -6.97 -3.67
CA GLY B 142 25.79 -6.73 -2.27
C GLY B 142 24.70 -7.21 -1.34
N ILE B 143 24.13 -8.37 -1.66
CA ILE B 143 22.92 -8.87 -0.99
C ILE B 143 23.13 -9.72 0.27
N HIS B 144 22.52 -9.28 1.37
CA HIS B 144 22.31 -10.12 2.56
C HIS B 144 20.82 -10.15 2.86
N LEU B 145 20.20 -11.33 2.74
CA LEU B 145 18.75 -11.41 2.86
C LEU B 145 18.28 -12.54 3.77
N GLN B 146 17.32 -12.23 4.64
CA GLN B 146 16.56 -13.26 5.32
C GLN B 146 15.13 -12.80 5.58
N ALA B 147 14.19 -13.45 4.90
CA ALA B 147 12.79 -13.22 5.20
C ALA B 147 12.38 -14.21 6.29
N PHE B 148 11.32 -13.88 7.01
CA PHE B 148 10.80 -14.76 8.06
C PHE B 148 11.84 -15.11 9.10
N VAL B 149 12.29 -14.10 9.82
CA VAL B 149 13.26 -14.27 10.89
C VAL B 149 12.56 -14.76 12.15
N GLN B 150 13.09 -15.82 12.75
CA GLN B 150 12.49 -16.39 13.94
C GLN B 150 13.20 -15.94 15.22
N ASN B 151 12.45 -15.86 16.32
CA ASN B 151 12.96 -15.44 17.63
C ASN B 151 13.60 -14.05 17.64
N GLY B 152 13.33 -13.26 16.61
CA GLY B 152 13.85 -11.90 16.56
C GLY B 152 15.33 -11.83 16.24
N THR B 153 15.96 -12.98 16.05
CA THR B 153 17.40 -13.01 15.83
C THR B 153 17.76 -13.54 14.45
N VAL B 154 18.48 -12.74 13.69
CA VAL B 154 18.92 -13.12 12.36
C VAL B 154 19.89 -14.30 12.44
N SER B 155 19.76 -15.24 11.50
CA SER B 155 20.57 -16.44 11.50
C SER B 155 22.05 -16.13 11.31
N LYS B 156 22.90 -16.96 11.89
CA LYS B 156 24.34 -16.79 11.74
C LYS B 156 24.83 -17.66 10.57
N ASN B 157 24.02 -18.65 10.20
CA ASN B 157 24.33 -19.48 9.06
C ASN B 157 24.14 -18.71 7.78
N GLU B 158 25.21 -18.40 7.06
CA GLU B 158 25.00 -17.66 5.82
C GLU B 158 25.20 -18.61 4.65
N GLN B 159 24.35 -18.47 3.65
CA GLN B 159 24.43 -19.24 2.44
C GLN B 159 24.81 -18.36 1.26
N VAL B 160 25.89 -18.76 0.58
CA VAL B 160 26.45 -17.96 -0.50
C VAL B 160 25.90 -18.40 -1.85
N CYS B 161 25.50 -17.43 -2.67
CA CYS B 161 25.04 -17.74 -4.02
C CYS B 161 26.16 -18.35 -4.87
N GLU B 162 25.76 -19.18 -5.82
CA GLU B 162 26.70 -19.79 -6.74
C GLU B 162 27.30 -18.72 -7.65
N GLU B 163 26.73 -17.52 -7.56
CA GLU B 163 27.15 -16.32 -8.29
C GLU B 163 26.76 -16.43 -9.76
#